data_2A4A
#
_entry.id   2A4A
#
_cell.length_a   36.121
_cell.length_b   143.472
_cell.length_c   50.156
_cell.angle_alpha   90.00
_cell.angle_beta   106.24
_cell.angle_gamma   90.00
#
_symmetry.space_group_name_H-M   'P 1 21 1'
#
loop_
_entity.id
_entity.type
_entity.pdbx_description
1 polymer 'deoxyribose-phosphate aldolase'
2 water water
#
_entity_poly.entity_id   1
_entity_poly.type   'polypeptide(L)'
_entity_poly.pdbx_seq_one_letter_code
;MGSSHHHHHHSSGLVPRGSMANYTEKFAAWSVICLTDHTFLDENGTEDDIRELCNESVKTCPFAAAVCVYPKFVKFINEK
IKQEINPFKPKIACVINFPYGTDSMEKVLNDTEKALDDGADEIDLVINYKKIIENTDEGLKEATKLTQSVKKLLTNKILK
VIIEVGELKTEDLIIKTTLAVLNGNADFIKTSTGKVQINATPSSVEYIIKAIKEYIKNNPEKNNKIGLKVSGGISDLNTA
SHYILLARRFLSSLACHPDNFRIGSSSLVIKLRKVISQCPL
;
_entity_poly.pdbx_strand_id   A,B
#
# COMPACT_ATOMS: atom_id res chain seq x y z
N ASN A 22 -20.27 -12.66 32.78
CA ASN A 22 -21.20 -12.18 31.72
C ASN A 22 -21.24 -13.16 30.54
N TYR A 23 -21.97 -14.26 30.72
CA TYR A 23 -22.00 -15.33 29.73
C TYR A 23 -22.74 -14.95 28.46
N THR A 24 -23.76 -14.12 28.60
CA THR A 24 -24.53 -13.62 27.45
C THR A 24 -23.60 -12.93 26.44
N GLU A 25 -22.80 -11.99 26.96
CA GLU A 25 -21.82 -11.27 26.18
C GLU A 25 -20.76 -12.20 25.58
N LYS A 26 -20.28 -13.16 26.37
CA LYS A 26 -19.28 -14.13 25.88
C LYS A 26 -19.83 -15.03 24.78
N PHE A 27 -21.11 -15.37 24.89
CA PHE A 27 -21.77 -16.21 23.88
C PHE A 27 -21.95 -15.44 22.56
N ALA A 28 -22.43 -14.19 22.67
CA ALA A 28 -22.53 -13.30 21.52
C ALA A 28 -21.16 -13.07 20.89
N ALA A 29 -20.16 -12.81 21.72
CA ALA A 29 -18.78 -12.59 21.25
C ALA A 29 -18.24 -13.78 20.45
N TRP A 30 -18.50 -14.99 20.94
CA TRP A 30 -18.11 -16.25 20.30
C TRP A 30 -18.78 -16.39 18.92
N SER A 31 -20.10 -16.22 18.90
CA SER A 31 -20.86 -16.26 17.66
C SER A 31 -20.36 -15.23 16.63
N VAL A 32 -20.03 -14.04 17.10
CA VAL A 32 -19.58 -12.99 16.18
C VAL A 32 -18.20 -13.29 15.56
N ILE A 33 -17.25 -13.81 16.33
CA ILE A 33 -15.95 -14.20 15.77
C ILE A 33 -16.15 -15.16 14.59
N CYS A 34 -17.03 -16.14 14.77
CA CYS A 34 -17.36 -17.14 13.74
C CYS A 34 -17.86 -16.53 12.42
N LEU A 35 -18.36 -15.30 12.50
CA LEU A 35 -18.88 -14.60 11.33
C LEU A 35 -17.96 -13.50 10.83
N THR A 36 -16.77 -13.34 11.44
CA THR A 36 -15.90 -12.21 11.13
C THR A 36 -14.79 -12.59 10.13
N ASP A 37 -14.57 -11.72 9.15
CA ASP A 37 -13.39 -11.78 8.29
C ASP A 37 -12.31 -10.95 8.97
N HIS A 38 -11.35 -11.63 9.59
CA HIS A 38 -10.28 -10.95 10.32
C HIS A 38 -9.31 -10.35 9.30
N THR A 39 -9.16 -9.04 9.35
CA THR A 39 -8.63 -8.28 8.22
C THR A 39 -7.31 -7.54 8.50
N PHE A 40 -6.38 -7.62 7.55
CA PHE A 40 -5.19 -6.77 7.57
C PHE A 40 -4.96 -6.23 6.17
N LEU A 41 -5.14 -4.93 6.01
CA LEU A 41 -5.04 -4.29 4.70
C LEU A 41 -4.15 -3.05 4.71
N ASP A 42 -3.15 -3.04 5.58
CA ASP A 42 -2.13 -2.00 5.56
C ASP A 42 -1.20 -2.38 4.44
N GLU A 43 -1.16 -1.53 3.42
CA GLU A 43 -0.42 -1.82 2.19
C GLU A 43 1.08 -2.07 2.43
N ASN A 44 1.67 -1.36 3.39
CA ASN A 44 3.11 -1.53 3.69
C ASN A 44 3.42 -2.71 4.62
N GLY A 45 2.42 -3.55 4.88
CA GLY A 45 2.57 -4.66 5.82
C GLY A 45 3.54 -5.73 5.37
N THR A 46 3.93 -6.60 6.32
CA THR A 46 4.92 -7.64 6.07
C THR A 46 4.35 -9.03 6.41
N GLU A 47 5.10 -10.07 6.07
CA GLU A 47 4.71 -11.43 6.47
C GLU A 47 4.51 -11.58 7.97
N ASP A 48 5.27 -10.80 8.74
CA ASP A 48 5.12 -10.78 10.20
C ASP A 48 3.71 -10.36 10.59
N ASP A 49 3.20 -9.30 9.97
CA ASP A 49 1.82 -8.85 10.17
C ASP A 49 0.78 -9.91 9.80
N ILE A 50 0.99 -10.57 8.65
CA ILE A 50 0.10 -11.61 8.16
C ILE A 50 0.15 -12.85 9.07
N ARG A 51 1.35 -13.21 9.53
CA ARG A 51 1.47 -14.33 10.48
C ARG A 51 0.68 -14.06 11.77
N GLU A 52 0.81 -12.85 12.30
CA GLU A 52 0.08 -12.42 13.48
C GLU A 52 -1.43 -12.46 13.25
N LEU A 53 -1.86 -11.96 12.10
CA LEU A 53 -3.29 -12.03 11.68
C LEU A 53 -3.85 -13.45 11.68
N CYS A 54 -3.10 -14.36 11.04
CA CYS A 54 -3.54 -15.76 10.94
C CYS A 54 -3.52 -16.46 12.29
N ASN A 55 -2.49 -16.22 13.09
CA ASN A 55 -2.49 -16.76 14.44
C ASN A 55 -3.67 -16.28 15.28
N GLU A 56 -3.98 -14.99 15.17
CA GLU A 56 -5.15 -14.40 15.83
C GLU A 56 -6.48 -15.02 15.39
N SER A 57 -6.58 -15.37 14.11
CA SER A 57 -7.81 -15.92 13.55
C SER A 57 -8.12 -17.31 14.12
N VAL A 58 -7.09 -18.03 14.58
CA VAL A 58 -7.21 -19.39 15.15
C VAL A 58 -6.68 -19.53 16.59
N LYS A 59 -6.38 -18.41 17.23
CA LYS A 59 -5.71 -18.37 18.54
C LYS A 59 -6.26 -19.41 19.51
N THR A 60 -7.54 -19.26 19.83
CA THR A 60 -8.25 -20.23 20.64
C THR A 60 -9.53 -20.61 19.88
N CYS A 61 -10.48 -21.17 20.60
CA CYS A 61 -11.51 -21.99 20.00
C CYS A 61 -12.36 -21.40 18.86
N PRO A 62 -13.10 -20.30 19.10
CA PRO A 62 -13.84 -19.89 17.90
C PRO A 62 -12.85 -19.35 16.87
N PHE A 63 -12.88 -19.92 15.67
CA PHE A 63 -12.04 -19.44 14.58
C PHE A 63 -12.80 -18.40 13.78
N ALA A 64 -12.10 -17.41 13.24
CA ALA A 64 -12.70 -16.44 12.31
C ALA A 64 -13.19 -17.14 11.02
N ALA A 65 -14.20 -16.56 10.37
CA ALA A 65 -14.70 -17.10 9.10
C ALA A 65 -13.63 -17.09 8.03
N ALA A 66 -12.85 -16.01 8.01
CA ALA A 66 -11.83 -15.79 7.00
C ALA A 66 -10.74 -14.88 7.52
N VAL A 67 -9.60 -14.94 6.85
CA VAL A 67 -8.63 -13.85 6.90
C VAL A 67 -8.73 -13.08 5.60
N CYS A 68 -8.72 -11.76 5.69
CA CYS A 68 -8.90 -10.91 4.50
C CYS A 68 -7.67 -10.03 4.29
N VAL A 69 -7.02 -10.22 3.14
CA VAL A 69 -5.72 -9.63 2.85
C VAL A 69 -5.61 -9.14 1.39
N TYR A 70 -4.53 -8.43 1.09
CA TYR A 70 -4.18 -8.09 -0.29
C TYR A 70 -3.64 -9.33 -1.04
N PRO A 71 -3.86 -9.38 -2.37
CA PRO A 71 -3.40 -10.51 -3.18
C PRO A 71 -1.94 -10.90 -2.97
N LYS A 72 -1.09 -9.93 -2.67
CA LYS A 72 0.34 -10.19 -2.53
C LYS A 72 0.70 -11.17 -1.40
N PHE A 73 -0.24 -11.38 -0.47
CA PHE A 73 0.00 -12.24 0.68
C PHE A 73 -0.76 -13.57 0.66
N VAL A 74 -1.53 -13.81 -0.40
CA VAL A 74 -2.33 -15.02 -0.51
C VAL A 74 -1.44 -16.27 -0.53
N LYS A 75 -0.38 -16.21 -1.32
CA LYS A 75 0.56 -17.34 -1.43
C LYS A 75 1.21 -17.68 -0.09
N PHE A 76 1.67 -16.67 0.62
CA PHE A 76 2.27 -16.83 1.94
C PHE A 76 1.33 -17.59 2.88
N ILE A 77 0.05 -17.20 2.91
CA ILE A 77 -0.92 -17.89 3.75
C ILE A 77 -1.16 -19.33 3.29
N ASN A 78 -1.34 -19.53 1.99
CA ASN A 78 -1.67 -20.85 1.44
C ASN A 78 -0.52 -21.83 1.61
N GLU A 79 0.70 -21.30 1.60
CA GLU A 79 1.88 -22.15 1.69
C GLU A 79 2.48 -22.15 3.09
N LYS A 80 3.07 -21.03 3.50
CA LYS A 80 3.74 -20.93 4.80
C LYS A 80 2.82 -21.15 6.00
N ILE A 81 1.74 -20.38 6.08
CA ILE A 81 0.82 -20.46 7.21
C ILE A 81 0.12 -21.82 7.31
N LYS A 82 -0.32 -22.35 6.18
CA LYS A 82 -0.92 -23.69 6.18
C LYS A 82 0.08 -24.80 6.61
N GLN A 83 1.37 -24.53 6.46
CA GLN A 83 2.44 -25.42 6.93
C GLN A 83 2.67 -25.30 8.44
N GLU A 84 2.50 -24.08 8.97
CA GLU A 84 2.65 -23.80 10.40
C GLU A 84 1.40 -24.16 11.19
N ILE A 85 0.25 -23.87 10.60
CA ILE A 85 -1.04 -24.15 11.22
C ILE A 85 -1.77 -25.15 10.33
N ASN A 86 -1.74 -26.41 10.77
CA ASN A 86 -2.33 -27.50 10.03
C ASN A 86 -3.28 -28.31 10.91
N PRO A 87 -4.60 -28.24 10.62
CA PRO A 87 -5.15 -27.48 9.50
C PRO A 87 -5.49 -26.01 9.83
N PHE A 88 -5.51 -25.18 8.78
CA PHE A 88 -5.89 -23.77 8.92
C PHE A 88 -7.29 -23.61 8.39
N LYS A 89 -8.24 -23.38 9.29
CA LYS A 89 -9.67 -23.40 8.95
C LYS A 89 -10.25 -22.12 8.31
N PRO A 90 -9.86 -20.92 8.78
CA PRO A 90 -10.44 -19.73 8.14
C PRO A 90 -10.13 -19.66 6.65
N LYS A 91 -11.12 -19.25 5.86
CA LYS A 91 -10.96 -19.11 4.43
C LYS A 91 -10.00 -17.95 4.12
N ILE A 92 -9.35 -18.01 2.96
CA ILE A 92 -8.49 -16.93 2.50
C ILE A 92 -9.30 -16.02 1.59
N ALA A 93 -9.69 -14.86 2.12
CA ALA A 93 -10.37 -13.85 1.30
C ALA A 93 -9.38 -12.78 0.83
N CYS A 94 -9.37 -12.55 -0.47
CA CYS A 94 -8.43 -11.66 -1.12
C CYS A 94 -9.22 -10.45 -1.66
N VAL A 95 -8.80 -9.22 -1.34
CA VAL A 95 -9.47 -8.05 -1.96
C VAL A 95 -8.96 -7.86 -3.40
N ILE A 96 -9.74 -7.16 -4.22
CA ILE A 96 -9.43 -7.06 -5.64
C ILE A 96 -9.96 -5.75 -6.18
N ASN A 97 -9.19 -5.14 -7.09
CA ASN A 97 -9.51 -3.86 -7.68
C ASN A 97 -9.58 -2.83 -6.54
N PHE A 98 -8.75 -3.04 -5.51
CA PHE A 98 -9.00 -2.42 -4.18
C PHE A 98 -7.93 -1.38 -3.84
N PRO A 99 -8.33 -0.25 -3.20
CA PRO A 99 -9.67 0.19 -2.81
C PRO A 99 -10.41 1.04 -3.83
N TYR A 100 -9.73 1.46 -4.91
CA TYR A 100 -10.30 2.51 -5.74
C TYR A 100 -11.33 2.07 -6.80
N GLY A 101 -11.32 0.79 -7.18
CA GLY A 101 -12.28 0.25 -8.15
C GLY A 101 -12.07 0.71 -9.60
N THR A 102 -10.85 1.11 -9.94
CA THR A 102 -10.61 1.74 -11.25
C THR A 102 -9.70 0.96 -12.21
N ASP A 103 -9.34 -0.28 -11.88
CA ASP A 103 -8.50 -1.11 -12.78
C ASP A 103 -9.29 -1.50 -14.02
N SER A 104 -8.61 -1.76 -15.13
CA SER A 104 -9.29 -2.31 -16.30
C SER A 104 -9.85 -3.70 -15.99
N MET A 105 -10.89 -4.12 -16.69
CA MET A 105 -11.39 -5.49 -16.55
C MET A 105 -10.27 -6.52 -16.75
N GLU A 106 -9.41 -6.29 -17.74
CA GLU A 106 -8.29 -7.19 -18.04
C GLU A 106 -7.37 -7.38 -16.83
N LYS A 107 -6.98 -6.29 -16.19
CA LYS A 107 -6.11 -6.34 -15.01
C LYS A 107 -6.80 -7.07 -13.86
N VAL A 108 -8.04 -6.69 -13.58
CA VAL A 108 -8.82 -7.33 -12.51
C VAL A 108 -8.87 -8.84 -12.74
N LEU A 109 -9.25 -9.25 -13.96
CA LEU A 109 -9.32 -10.68 -14.27
C LEU A 109 -7.95 -11.39 -14.12
N ASN A 110 -6.88 -10.77 -14.63
CA ASN A 110 -5.54 -11.32 -14.47
C ASN A 110 -5.11 -11.45 -13.02
N ASP A 111 -5.42 -10.42 -12.24
CA ASP A 111 -5.11 -10.41 -10.81
C ASP A 111 -5.92 -11.50 -10.10
N THR A 112 -7.17 -11.68 -10.52
CA THR A 112 -8.05 -12.66 -9.88
C THR A 112 -7.55 -14.09 -10.18
N GLU A 113 -7.17 -14.33 -11.42
CA GLU A 113 -6.62 -15.63 -11.81
C GLU A 113 -5.37 -15.93 -10.98
N LYS A 114 -4.49 -14.95 -10.84
CA LYS A 114 -3.27 -15.14 -10.05
C LYS A 114 -3.59 -15.43 -8.57
N ALA A 115 -4.49 -14.63 -7.98
CA ALA A 115 -4.95 -14.87 -6.61
C ALA A 115 -5.53 -16.27 -6.41
N LEU A 116 -6.32 -16.74 -7.36
CA LEU A 116 -6.85 -18.11 -7.29
C LEU A 116 -5.74 -19.16 -7.37
N ASP A 117 -4.83 -18.98 -8.33
CA ASP A 117 -3.62 -19.80 -8.45
C ASP A 117 -2.85 -19.86 -7.13
N ASP A 118 -2.78 -18.72 -6.42
CA ASP A 118 -2.00 -18.62 -5.18
C ASP A 118 -2.69 -19.23 -3.95
N GLY A 119 -3.97 -19.58 -4.07
CA GLY A 119 -4.70 -20.21 -2.98
C GLY A 119 -5.92 -19.48 -2.41
N ALA A 120 -6.38 -18.43 -3.09
CA ALA A 120 -7.52 -17.67 -2.55
C ALA A 120 -8.83 -18.47 -2.62
N ASP A 121 -9.63 -18.37 -1.56
CA ASP A 121 -10.91 -19.04 -1.44
C ASP A 121 -12.08 -18.11 -1.79
N GLU A 122 -11.96 -16.85 -1.43
CA GLU A 122 -13.02 -15.85 -1.63
C GLU A 122 -12.40 -14.58 -2.19
N ILE A 123 -13.19 -13.81 -2.94
CA ILE A 123 -12.69 -12.59 -3.55
C ILE A 123 -13.61 -11.45 -3.09
N ASP A 124 -13.02 -10.38 -2.53
CA ASP A 124 -13.80 -9.19 -2.17
C ASP A 124 -13.46 -8.09 -3.17
N LEU A 125 -14.36 -7.91 -4.14
CA LEU A 125 -14.09 -7.13 -5.34
C LEU A 125 -14.71 -5.73 -5.29
N VAL A 126 -13.90 -4.70 -5.50
CA VAL A 126 -14.45 -3.34 -5.62
C VAL A 126 -14.89 -3.10 -7.05
N ILE A 127 -16.11 -2.60 -7.22
CA ILE A 127 -16.57 -2.16 -8.53
C ILE A 127 -16.26 -0.66 -8.76
N ASN A 128 -16.45 -0.20 -9.98
CA ASN A 128 -16.14 1.19 -10.32
C ASN A 128 -17.27 2.12 -9.86
N TYR A 129 -17.30 2.38 -8.55
CA TYR A 129 -18.34 3.22 -7.97
C TYR A 129 -18.21 4.69 -8.40
N LYS A 130 -16.97 5.13 -8.70
CA LYS A 130 -16.76 6.50 -9.18
C LYS A 130 -17.48 6.73 -10.52
N LYS A 131 -17.39 5.75 -11.41
CA LYS A 131 -18.09 5.85 -12.69
C LYS A 131 -19.62 5.85 -12.49
N ILE A 132 -20.11 5.07 -11.53
CA ILE A 132 -21.54 5.05 -11.20
C ILE A 132 -22.00 6.43 -10.73
N ILE A 133 -21.17 7.10 -9.94
CA ILE A 133 -21.49 8.42 -9.41
C ILE A 133 -21.48 9.46 -10.55
N GLU A 134 -20.44 9.40 -11.38
CA GLU A 134 -20.21 10.39 -12.44
C GLU A 134 -21.09 10.18 -13.66
N ASN A 135 -21.29 8.91 -14.05
CA ASN A 135 -22.03 8.58 -15.26
C ASN A 135 -22.80 7.29 -15.03
N THR A 136 -23.97 7.44 -14.43
CA THR A 136 -24.64 6.34 -13.74
C THR A 136 -25.02 5.13 -14.61
N ASP A 137 -25.71 5.38 -15.72
CA ASP A 137 -26.18 4.27 -16.56
C ASP A 137 -25.01 3.43 -17.08
N GLU A 138 -24.00 4.07 -17.65
CA GLU A 138 -22.78 3.37 -18.10
C GLU A 138 -22.05 2.69 -16.94
N GLY A 139 -21.99 3.38 -15.79
CA GLY A 139 -21.34 2.81 -14.59
C GLY A 139 -22.03 1.56 -14.07
N LEU A 140 -23.36 1.57 -14.08
CA LEU A 140 -24.11 0.40 -13.63
C LEU A 140 -23.88 -0.79 -14.56
N LYS A 141 -23.96 -0.56 -15.87
CA LYS A 141 -23.70 -1.64 -16.82
C LYS A 141 -22.28 -2.22 -16.67
N GLU A 142 -21.30 -1.33 -16.50
CA GLU A 142 -19.90 -1.73 -16.29
C GLU A 142 -19.74 -2.59 -15.03
N ALA A 143 -20.34 -2.16 -13.92
CA ALA A 143 -20.34 -2.96 -12.68
C ALA A 143 -20.94 -4.36 -12.87
N THR A 144 -22.07 -4.44 -13.57
CA THR A 144 -22.68 -5.74 -13.88
C THR A 144 -21.70 -6.64 -14.66
N LYS A 145 -21.08 -6.05 -15.68
CA LYS A 145 -20.18 -6.78 -16.58
C LYS A 145 -18.90 -7.25 -15.88
N LEU A 146 -18.31 -6.38 -15.06
CA LEU A 146 -17.10 -6.74 -14.30
C LEU A 146 -17.39 -7.86 -13.30
N THR A 147 -18.44 -7.69 -12.50
CA THR A 147 -18.88 -8.71 -11.55
C THR A 147 -19.08 -10.06 -12.25
N GLN A 148 -19.79 -10.06 -13.38
CA GLN A 148 -20.04 -11.33 -14.08
C GLN A 148 -18.75 -11.98 -14.60
N SER A 149 -17.86 -11.17 -15.17
CA SER A 149 -16.60 -11.70 -15.70
C SER A 149 -15.75 -12.33 -14.59
N VAL A 150 -15.69 -11.66 -13.44
CA VAL A 150 -15.00 -12.19 -12.27
C VAL A 150 -15.66 -13.47 -11.77
N LYS A 151 -16.99 -13.48 -11.69
CA LYS A 151 -17.73 -14.68 -11.24
C LYS A 151 -17.43 -15.94 -12.07
N LYS A 152 -17.16 -15.78 -13.37
CA LYS A 152 -16.80 -16.90 -14.26
C LYS A 152 -15.55 -17.65 -13.83
N LEU A 153 -14.69 -16.98 -13.07
CA LEU A 153 -13.48 -17.59 -12.52
C LEU A 153 -13.75 -18.22 -11.15
N LEU A 154 -14.97 -18.05 -10.65
CA LEU A 154 -15.27 -18.34 -9.26
C LEU A 154 -16.45 -19.27 -9.07
N THR A 155 -16.46 -20.37 -9.82
CA THR A 155 -17.45 -21.42 -9.60
C THR A 155 -17.26 -22.07 -8.24
N ASN A 156 -18.36 -22.16 -7.50
CA ASN A 156 -18.37 -22.64 -6.12
C ASN A 156 -17.34 -21.94 -5.25
N LYS A 157 -17.06 -20.66 -5.54
CA LYS A 157 -16.33 -19.80 -4.63
C LYS A 157 -17.13 -18.52 -4.39
N ILE A 158 -16.91 -17.89 -3.24
CA ILE A 158 -17.70 -16.71 -2.90
C ILE A 158 -17.06 -15.46 -3.49
N LEU A 159 -17.87 -14.68 -4.23
CA LEU A 159 -17.52 -13.39 -4.73
C LEU A 159 -18.32 -12.37 -3.92
N LYS A 160 -17.62 -11.52 -3.16
CA LYS A 160 -18.26 -10.41 -2.44
C LYS A 160 -17.93 -9.15 -3.22
N VAL A 161 -18.92 -8.30 -3.41
CA VAL A 161 -18.68 -7.10 -4.21
C VAL A 161 -18.84 -5.88 -3.30
N ILE A 162 -17.78 -5.09 -3.23
CA ILE A 162 -17.78 -3.90 -2.40
C ILE A 162 -18.36 -2.76 -3.22
N ILE A 163 -19.45 -2.18 -2.74
CA ILE A 163 -20.10 -1.08 -3.46
C ILE A 163 -19.72 0.34 -2.99
N GLU A 164 -19.05 0.40 -1.83
CA GLU A 164 -18.57 1.67 -1.24
C GLU A 164 -19.73 2.64 -0.95
N VAL A 165 -20.56 2.24 0.00
CA VAL A 165 -21.80 3.01 0.31
C VAL A 165 -21.51 4.42 0.79
N GLY A 166 -20.36 4.60 1.46
CA GLY A 166 -19.96 5.91 1.96
C GLY A 166 -19.63 6.90 0.85
N GLU A 167 -19.36 6.40 -0.34
CA GLU A 167 -19.12 7.24 -1.49
C GLU A 167 -20.37 7.37 -2.36
N LEU A 168 -21.07 6.25 -2.59
CA LEU A 168 -22.34 6.28 -3.33
C LEU A 168 -23.35 7.22 -2.67
N LYS A 169 -23.48 7.07 -1.35
CA LYS A 169 -24.23 7.95 -0.43
C LYS A 169 -25.75 7.87 -0.50
N THR A 170 -26.29 8.00 -1.71
CA THR A 170 -27.74 8.11 -1.86
C THR A 170 -28.41 6.75 -1.86
N GLU A 171 -29.62 6.71 -1.31
CA GLU A 171 -30.48 5.54 -1.42
C GLU A 171 -30.57 5.05 -2.86
N ASP A 172 -30.74 5.97 -3.81
CA ASP A 172 -30.93 5.59 -5.22
C ASP A 172 -29.71 4.87 -5.81
N LEU A 173 -28.52 5.44 -5.61
CA LEU A 173 -27.29 4.82 -6.11
C LEU A 173 -26.93 3.51 -5.40
N ILE A 174 -27.18 3.46 -4.09
CA ILE A 174 -26.89 2.25 -3.32
C ILE A 174 -27.77 1.08 -3.78
N ILE A 175 -29.06 1.36 -3.98
CA ILE A 175 -30.00 0.33 -4.48
C ILE A 175 -29.67 -0.09 -5.92
N LYS A 176 -29.46 0.89 -6.81
CA LYS A 176 -29.15 0.61 -8.22
C LYS A 176 -27.85 -0.16 -8.37
N THR A 177 -26.84 0.23 -7.59
CA THR A 177 -25.55 -0.46 -7.62
C THR A 177 -25.68 -1.88 -7.10
N THR A 178 -26.39 -2.06 -5.98
CA THR A 178 -26.64 -3.38 -5.43
C THR A 178 -27.35 -4.29 -6.45
N LEU A 179 -28.36 -3.75 -7.13
CA LEU A 179 -29.08 -4.53 -8.15
C LEU A 179 -28.19 -4.88 -9.32
N ALA A 180 -27.36 -3.92 -9.75
CA ALA A 180 -26.43 -4.11 -10.86
C ALA A 180 -25.44 -5.25 -10.60
N VAL A 181 -24.84 -5.27 -9.41
CA VAL A 181 -23.88 -6.31 -9.11
C VAL A 181 -24.51 -7.68 -8.83
N LEU A 182 -25.71 -7.70 -8.23
CA LEU A 182 -26.44 -8.96 -8.03
C LEU A 182 -26.82 -9.57 -9.39
N ASN A 183 -27.19 -8.72 -10.35
CA ASN A 183 -27.47 -9.19 -11.71
C ASN A 183 -26.22 -9.67 -12.44
N GLY A 184 -25.05 -9.32 -11.89
CA GLY A 184 -23.78 -9.87 -12.35
C GLY A 184 -23.37 -11.14 -11.62
N ASN A 185 -24.26 -11.65 -10.79
CA ASN A 185 -24.04 -12.89 -10.02
C ASN A 185 -23.05 -12.81 -8.84
N ALA A 186 -22.98 -11.65 -8.20
CA ALA A 186 -22.29 -11.53 -6.92
C ALA A 186 -22.98 -12.43 -5.91
N ASP A 187 -22.19 -13.06 -5.05
CA ASP A 187 -22.72 -13.84 -3.95
C ASP A 187 -23.04 -13.02 -2.70
N PHE A 188 -22.20 -12.02 -2.42
CA PHE A 188 -22.36 -11.15 -1.26
C PHE A 188 -22.27 -9.71 -1.73
N ILE A 189 -22.96 -8.82 -0.99
CA ILE A 189 -22.73 -7.39 -1.09
C ILE A 189 -21.94 -6.96 0.14
N LYS A 190 -20.83 -6.28 -0.09
CA LYS A 190 -19.98 -5.77 0.97
C LYS A 190 -20.10 -4.26 1.01
N THR A 191 -20.31 -3.69 2.20
CA THR A 191 -20.60 -2.25 2.27
C THR A 191 -19.46 -1.36 1.85
N SER A 192 -18.23 -1.65 2.30
CA SER A 192 -17.17 -0.62 2.31
C SER A 192 -15.78 -1.20 2.24
N THR A 193 -14.85 -0.41 1.72
CA THR A 193 -13.42 -0.81 1.72
C THR A 193 -12.77 -0.59 3.09
N GLY A 194 -13.36 0.33 3.88
CA GLY A 194 -12.73 0.81 5.10
C GLY A 194 -11.63 1.81 4.81
N LYS A 195 -11.50 2.22 3.56
CA LYS A 195 -10.41 3.11 3.17
C LYS A 195 -10.90 4.52 2.85
N VAL A 196 -12.21 4.76 2.97
CA VAL A 196 -12.77 6.11 2.86
C VAL A 196 -13.39 6.51 4.20
N GLN A 197 -13.73 7.78 4.34
CA GLN A 197 -14.17 8.29 5.64
C GLN A 197 -15.50 7.70 6.14
N ILE A 198 -16.45 7.49 5.25
CA ILE A 198 -17.76 6.95 5.65
C ILE A 198 -17.84 5.48 5.28
N ASN A 199 -18.16 4.66 6.26
CA ASN A 199 -18.34 3.22 6.07
C ASN A 199 -19.81 2.81 6.16
N ALA A 200 -20.09 1.64 6.71
CA ALA A 200 -21.50 1.25 6.86
C ALA A 200 -22.21 2.09 7.90
N THR A 201 -23.49 2.35 7.65
CA THR A 201 -24.40 2.92 8.63
C THR A 201 -25.65 2.06 8.59
N PRO A 202 -26.50 2.14 9.64
CA PRO A 202 -27.74 1.39 9.60
C PRO A 202 -28.57 1.71 8.35
N SER A 203 -28.64 2.99 7.95
CA SER A 203 -29.42 3.38 6.77
C SER A 203 -28.96 2.72 5.48
N SER A 204 -27.66 2.79 5.20
CA SER A 204 -27.14 2.23 3.94
C SER A 204 -27.25 0.71 3.93
N VAL A 205 -27.14 0.07 5.10
CA VAL A 205 -27.38 -1.38 5.22
C VAL A 205 -28.86 -1.69 4.95
N GLU A 206 -29.75 -0.84 5.44
CA GLU A 206 -31.18 -1.00 5.13
C GLU A 206 -31.48 -0.90 3.63
N TYR A 207 -30.81 0.04 2.94
CA TYR A 207 -30.96 0.20 1.51
C TYR A 207 -30.44 -1.04 0.77
N ILE A 208 -29.29 -1.56 1.17
CA ILE A 208 -28.78 -2.80 0.55
C ILE A 208 -29.81 -3.94 0.74
N ILE A 209 -30.36 -4.07 1.94
CA ILE A 209 -31.32 -5.15 2.22
C ILE A 209 -32.58 -5.00 1.34
N LYS A 210 -33.12 -3.78 1.25
CA LYS A 210 -34.19 -3.43 0.31
C LYS A 210 -33.86 -3.94 -1.10
N ALA A 211 -32.69 -3.60 -1.62
CA ALA A 211 -32.27 -4.03 -2.96
C ALA A 211 -32.17 -5.55 -3.14
N ILE A 212 -31.56 -6.24 -2.17
CA ILE A 212 -31.44 -7.70 -2.22
C ILE A 212 -32.83 -8.36 -2.24
N LYS A 213 -33.74 -7.85 -1.42
CA LYS A 213 -35.11 -8.38 -1.35
C LYS A 213 -35.82 -8.24 -2.70
N GLU A 214 -35.61 -7.10 -3.36
CA GLU A 214 -36.14 -6.85 -4.70
C GLU A 214 -35.52 -7.81 -5.73
N TYR A 215 -34.21 -8.02 -5.64
CA TYR A 215 -33.53 -8.94 -6.52
C TYR A 215 -34.09 -10.36 -6.35
N ILE A 216 -34.25 -10.79 -5.10
CA ILE A 216 -34.75 -12.13 -4.79
C ILE A 216 -36.17 -12.31 -5.29
N LYS A 217 -37.01 -11.30 -5.05
CA LYS A 217 -38.39 -11.28 -5.54
C LYS A 217 -38.41 -11.55 -7.06
N ASN A 218 -37.51 -10.89 -7.79
CA ASN A 218 -37.40 -11.06 -9.24
C ASN A 218 -36.61 -12.29 -9.69
N ASN A 219 -35.92 -12.94 -8.75
CA ASN A 219 -35.12 -14.13 -9.02
C ASN A 219 -35.24 -15.11 -7.86
N PRO A 220 -36.39 -15.81 -7.77
CA PRO A 220 -36.74 -16.61 -6.60
C PRO A 220 -35.75 -17.73 -6.28
N GLU A 221 -35.06 -18.23 -7.30
CA GLU A 221 -34.08 -19.31 -7.13
C GLU A 221 -32.83 -18.86 -6.36
N LYS A 222 -32.67 -17.54 -6.21
CA LYS A 222 -31.55 -16.95 -5.49
C LYS A 222 -31.85 -16.73 -4.00
N ASN A 223 -33.04 -17.14 -3.58
CA ASN A 223 -33.43 -17.02 -2.17
C ASN A 223 -32.51 -17.81 -1.25
N ASN A 224 -32.10 -17.16 -0.15
CA ASN A 224 -31.07 -17.67 0.77
C ASN A 224 -29.70 -17.94 0.12
N LYS A 225 -29.47 -17.38 -1.07
CA LYS A 225 -28.19 -17.56 -1.75
C LYS A 225 -27.33 -16.29 -1.71
N ILE A 226 -27.88 -15.20 -1.18
CA ILE A 226 -27.18 -13.92 -1.24
C ILE A 226 -26.81 -13.51 0.19
N GLY A 227 -25.54 -13.13 0.36
CA GLY A 227 -25.05 -12.70 1.65
C GLY A 227 -24.81 -11.20 1.78
N LEU A 228 -24.68 -10.75 3.02
CA LEU A 228 -24.33 -9.37 3.31
C LEU A 228 -23.07 -9.34 4.16
N LYS A 229 -22.11 -8.51 3.78
CA LYS A 229 -20.93 -8.30 4.60
C LYS A 229 -20.84 -6.83 4.99
N VAL A 230 -20.90 -6.58 6.29
CA VAL A 230 -20.83 -5.20 6.78
C VAL A 230 -19.41 -4.94 7.25
N SER A 231 -18.77 -3.94 6.66
CA SER A 231 -17.35 -3.71 6.89
C SER A 231 -17.07 -2.21 7.08
N GLY A 232 -15.96 -1.93 7.76
CA GLY A 232 -15.53 -0.55 7.98
C GLY A 232 -16.13 0.02 9.25
N GLY A 233 -15.26 0.38 10.18
CA GLY A 233 -15.67 1.03 11.43
C GLY A 233 -16.46 0.15 12.39
N ILE A 234 -16.29 -1.17 12.28
CA ILE A 234 -16.94 -2.08 13.23
C ILE A 234 -15.87 -2.56 14.21
N SER A 235 -15.91 -2.03 15.43
CA SER A 235 -14.88 -2.35 16.42
C SER A 235 -15.43 -2.79 17.78
N ASP A 236 -16.74 -2.90 17.91
CA ASP A 236 -17.35 -3.40 19.17
C ASP A 236 -18.49 -4.38 18.94
N LEU A 237 -18.69 -5.24 19.94
CA LEU A 237 -19.68 -6.31 19.89
C LEU A 237 -21.10 -5.80 19.69
N ASN A 238 -21.45 -4.71 20.36
CA ASN A 238 -22.80 -4.16 20.28
C ASN A 238 -23.15 -3.71 18.86
N THR A 239 -22.20 -3.07 18.19
CA THR A 239 -22.42 -2.65 16.81
C THR A 239 -22.45 -3.84 15.85
N ALA A 240 -21.56 -4.82 16.05
CA ALA A 240 -21.61 -6.04 15.23
C ALA A 240 -22.99 -6.70 15.34
N SER A 241 -23.47 -6.81 16.58
CA SER A 241 -24.76 -7.43 16.86
C SER A 241 -25.90 -6.68 16.20
N HIS A 242 -25.81 -5.35 16.20
CA HIS A 242 -26.82 -4.50 15.56
C HIS A 242 -27.04 -4.90 14.10
N TYR A 243 -25.95 -4.96 13.35
CA TYR A 243 -26.02 -5.28 11.93
C TYR A 243 -26.48 -6.71 11.66
N ILE A 244 -26.04 -7.64 12.50
CA ILE A 244 -26.46 -9.04 12.39
C ILE A 244 -27.98 -9.10 12.52
N LEU A 245 -28.51 -8.36 13.50
CA LEU A 245 -29.94 -8.34 13.77
C LEU A 245 -30.73 -7.72 12.61
N LEU A 246 -30.20 -6.66 12.02
CA LEU A 246 -30.78 -6.12 10.79
C LEU A 246 -30.89 -7.19 9.70
N ALA A 247 -29.80 -7.91 9.46
CA ALA A 247 -29.82 -8.97 8.43
C ALA A 247 -30.84 -10.07 8.79
N ARG A 248 -30.90 -10.43 10.06
CA ARG A 248 -31.81 -11.48 10.56
C ARG A 248 -33.28 -11.11 10.48
N ARG A 249 -33.62 -9.89 10.87
CA ARG A 249 -35.00 -9.43 10.85
C ARG A 249 -35.50 -9.26 9.41
N PHE A 250 -34.70 -8.59 8.57
CA PHE A 250 -35.18 -8.05 7.30
C PHE A 250 -34.70 -8.77 6.04
N LEU A 251 -33.63 -9.57 6.15
CA LEU A 251 -33.02 -10.18 4.97
C LEU A 251 -33.20 -11.69 4.89
N SER A 252 -32.84 -12.40 5.96
CA SER A 252 -32.92 -13.87 5.98
C SER A 252 -34.38 -14.35 6.00
N ASP A 259 -21.13 -17.70 5.04
CA ASP A 259 -22.42 -18.27 4.67
C ASP A 259 -23.34 -17.23 4.05
N ASN A 260 -24.02 -16.45 4.89
CA ASN A 260 -24.88 -15.35 4.41
C ASN A 260 -24.74 -14.02 5.18
N PHE A 261 -23.91 -14.01 6.23
CA PHE A 261 -23.54 -12.76 6.88
C PHE A 261 -22.08 -12.79 7.35
N ARG A 262 -21.34 -11.71 7.06
CA ARG A 262 -20.02 -11.50 7.62
C ARG A 262 -19.85 -10.08 8.15
N ILE A 263 -18.95 -9.97 9.11
CA ILE A 263 -18.39 -8.70 9.54
C ILE A 263 -16.96 -8.59 8.98
N GLY A 264 -16.62 -7.43 8.46
CA GLY A 264 -15.24 -7.13 8.08
C GLY A 264 -14.69 -6.18 9.11
N SER A 265 -13.63 -6.61 9.81
CA SER A 265 -12.97 -5.77 10.80
C SER A 265 -11.50 -6.13 10.94
N SER A 266 -10.66 -5.13 11.15
CA SER A 266 -9.25 -5.40 11.42
C SER A 266 -8.96 -5.58 12.92
N SER A 267 -9.94 -5.23 13.77
CA SER A 267 -9.73 -5.21 15.22
C SER A 267 -10.69 -6.05 16.04
N LEU A 268 -11.91 -6.27 15.54
CA LEU A 268 -12.99 -6.87 16.33
C LEU A 268 -12.62 -8.20 16.96
N VAL A 269 -12.07 -9.13 16.18
CA VAL A 269 -11.71 -10.45 16.71
C VAL A 269 -10.79 -10.35 17.95
N ILE A 270 -9.77 -9.50 17.88
CA ILE A 270 -8.86 -9.28 19.01
C ILE A 270 -9.64 -8.85 20.26
N LYS A 271 -10.55 -7.89 20.09
CA LYS A 271 -11.40 -7.43 21.19
C LYS A 271 -12.25 -8.57 21.74
N LEU A 272 -12.88 -9.33 20.84
CA LEU A 272 -13.85 -10.35 21.27
C LEU A 272 -13.20 -11.52 21.99
N ARG A 273 -11.98 -11.87 21.57
CA ARG A 273 -11.21 -12.89 22.28
C ARG A 273 -10.99 -12.51 23.74
N LYS A 274 -10.75 -11.23 23.99
CA LYS A 274 -10.56 -10.71 25.34
C LYS A 274 -11.85 -10.79 26.15
N VAL A 275 -12.98 -10.56 25.49
CA VAL A 275 -14.30 -10.68 26.11
C VAL A 275 -14.54 -12.13 26.58
N ILE A 276 -14.25 -13.09 25.70
CA ILE A 276 -14.41 -14.50 25.98
C ILE A 276 -13.48 -15.00 27.10
N SER A 277 -12.24 -14.51 27.12
CA SER A 277 -11.29 -14.81 28.19
C SER A 277 -11.66 -14.11 29.49
N ASN B 22 41.65 3.16 -19.67
CA ASN B 22 40.65 4.25 -19.78
C ASN B 22 40.55 5.03 -18.48
N TYR B 23 41.42 6.02 -18.34
CA TYR B 23 41.39 6.89 -17.17
C TYR B 23 40.12 7.76 -17.11
N THR B 24 39.63 8.17 -18.27
CA THR B 24 38.37 8.94 -18.36
C THR B 24 37.21 8.19 -17.69
N GLU B 25 37.10 6.90 -18.00
CA GLU B 25 36.05 6.05 -17.48
C GLU B 25 36.23 5.88 -15.97
N LYS B 26 37.47 5.62 -15.52
CA LYS B 26 37.77 5.44 -14.11
C LYS B 26 37.50 6.71 -13.29
N PHE B 27 37.82 7.86 -13.87
CA PHE B 27 37.58 9.15 -13.22
C PHE B 27 36.06 9.37 -13.01
N ALA B 28 35.29 9.12 -14.06
CA ALA B 28 33.84 9.21 -13.99
C ALA B 28 33.28 8.22 -12.97
N ALA B 29 33.74 6.97 -13.03
CA ALA B 29 33.32 5.94 -12.05
C ALA B 29 33.57 6.38 -10.61
N TRP B 30 34.77 6.93 -10.35
CA TRP B 30 35.13 7.46 -9.04
C TRP B 30 34.14 8.54 -8.59
N SER B 31 33.89 9.49 -9.49
CA SER B 31 32.97 10.60 -9.21
C SER B 31 31.53 10.13 -8.95
N VAL B 32 31.08 9.12 -9.68
CA VAL B 32 29.71 8.59 -9.51
C VAL B 32 29.53 7.86 -8.18
N ILE B 33 30.51 7.05 -7.77
CA ILE B 33 30.45 6.38 -6.46
C ILE B 33 30.19 7.37 -5.32
N CYS B 34 30.91 8.49 -5.35
CA CYS B 34 30.76 9.56 -4.36
C CYS B 34 29.36 10.15 -4.29
N LEU B 35 28.57 9.96 -5.35
CA LEU B 35 27.21 10.49 -5.43
C LEU B 35 26.13 9.42 -5.23
N THR B 36 26.53 8.17 -5.02
CA THR B 36 25.58 7.07 -4.97
C THR B 36 25.19 6.67 -3.55
N ASP B 37 23.88 6.52 -3.33
CA ASP B 37 23.37 5.84 -2.14
C ASP B 37 23.38 4.33 -2.42
N HIS B 38 24.31 3.62 -1.81
CA HIS B 38 24.45 2.19 -2.01
C HIS B 38 23.37 1.49 -1.19
N THR B 39 22.53 0.74 -1.88
CA THR B 39 21.21 0.40 -1.35
C THR B 39 21.02 -1.12 -1.20
N PHE B 40 20.37 -1.52 -0.10
CA PHE B 40 19.89 -2.90 0.04
C PHE B 40 18.48 -2.86 0.62
N LEU B 41 17.53 -3.31 -0.18
CA LEU B 41 16.11 -3.21 0.20
C LEU B 41 15.32 -4.48 -0.11
N ASP B 42 16.00 -5.62 -0.22
CA ASP B 42 15.32 -6.92 -0.31
C ASP B 42 14.66 -7.26 1.02
N GLU B 43 13.41 -7.70 0.96
CA GLU B 43 12.64 -8.04 2.15
C GLU B 43 13.22 -9.23 2.93
N ASN B 44 13.92 -10.12 2.25
CA ASN B 44 14.60 -11.25 2.89
C ASN B 44 15.89 -10.87 3.64
N GLY B 45 16.11 -9.56 3.81
CA GLY B 45 17.36 -9.02 4.32
C GLY B 45 17.78 -9.45 5.71
N THR B 46 19.09 -9.69 5.86
CA THR B 46 19.69 -10.03 7.14
C THR B 46 20.84 -9.06 7.45
N GLU B 47 21.37 -9.12 8.66
CA GLU B 47 22.53 -8.33 9.07
C GLU B 47 23.79 -8.66 8.28
N ASP B 48 23.86 -9.88 7.73
CA ASP B 48 24.97 -10.30 6.87
C ASP B 48 24.96 -9.52 5.57
N ASP B 49 23.78 -9.37 4.98
CA ASP B 49 23.58 -8.55 3.79
C ASP B 49 23.94 -7.08 4.04
N ILE B 50 23.53 -6.57 5.20
CA ILE B 50 23.76 -5.18 5.58
C ILE B 50 25.24 -4.94 5.91
N ARG B 51 25.89 -5.93 6.52
CA ARG B 51 27.34 -5.84 6.73
C ARG B 51 28.07 -5.79 5.40
N GLU B 52 27.70 -6.67 4.49
CA GLU B 52 28.29 -6.72 3.16
C GLU B 52 28.08 -5.40 2.40
N LEU B 53 26.86 -4.87 2.47
CA LEU B 53 26.53 -3.57 1.85
C LEU B 53 27.47 -2.48 2.33
N CYS B 54 27.61 -2.40 3.66
CA CYS B 54 28.43 -1.38 4.31
C CYS B 54 29.92 -1.52 3.99
N ASN B 55 30.40 -2.75 3.92
CA ASN B 55 31.77 -3.00 3.50
C ASN B 55 32.01 -2.55 2.06
N GLU B 56 31.04 -2.84 1.19
CA GLU B 56 31.11 -2.42 -0.22
C GLU B 56 31.14 -0.89 -0.39
N SER B 57 30.40 -0.19 0.46
CA SER B 57 30.33 1.28 0.40
C SER B 57 31.64 1.96 0.78
N VAL B 58 32.54 1.21 1.41
CA VAL B 58 33.86 1.72 1.84
C VAL B 58 35.03 0.79 1.50
N LYS B 59 34.75 -0.24 0.70
CA LYS B 59 35.75 -1.24 0.34
C LYS B 59 37.09 -0.61 -0.03
N THR B 60 37.11 0.15 -1.11
CA THR B 60 38.33 0.84 -1.54
C THR B 60 38.15 2.35 -1.39
N CYS B 61 39.06 3.12 -1.98
CA CYS B 61 39.20 4.54 -1.69
C CYS B 61 37.93 5.44 -1.75
N PRO B 62 37.23 5.49 -2.90
CA PRO B 62 36.06 6.37 -2.88
C PRO B 62 34.91 5.74 -2.08
N PHE B 63 34.27 6.54 -1.23
CA PHE B 63 33.16 6.05 -0.42
C PHE B 63 31.82 6.48 -1.01
N ALA B 64 30.80 5.64 -0.85
CA ALA B 64 29.45 5.98 -1.28
C ALA B 64 28.91 7.14 -0.46
N ALA B 65 28.01 7.92 -1.05
CA ALA B 65 27.37 9.04 -0.37
C ALA B 65 26.61 8.57 0.89
N ALA B 66 25.91 7.46 0.76
CA ALA B 66 25.10 6.90 1.84
C ALA B 66 24.95 5.40 1.66
N VAL B 67 24.57 4.71 2.74
CA VAL B 67 23.94 3.39 2.59
C VAL B 67 22.44 3.58 2.80
N CYS B 68 21.64 2.88 2.01
CA CYS B 68 20.19 3.04 2.09
C CYS B 68 19.51 1.71 2.39
N VAL B 69 18.84 1.63 3.54
CA VAL B 69 18.30 0.39 4.08
C VAL B 69 16.89 0.60 4.68
N TYR B 70 16.23 -0.50 5.06
CA TYR B 70 14.99 -0.42 5.83
C TYR B 70 15.32 0.01 7.27
N PRO B 71 14.40 0.75 7.94
CA PRO B 71 14.60 1.26 9.29
C PRO B 71 15.09 0.24 10.34
N LYS B 72 14.66 -1.02 10.21
CA LYS B 72 15.06 -2.08 11.16
C LYS B 72 16.57 -2.38 11.21
N PHE B 73 17.32 -1.84 10.25
CA PHE B 73 18.77 -2.04 10.21
C PHE B 73 19.58 -0.79 10.58
N VAL B 74 18.90 0.31 10.87
CA VAL B 74 19.55 1.57 11.22
C VAL B 74 20.42 1.44 12.49
N LYS B 75 19.82 0.97 13.58
CA LYS B 75 20.52 0.79 14.86
C LYS B 75 21.79 -0.07 14.70
N PHE B 76 21.67 -1.15 13.94
CA PHE B 76 22.76 -2.06 13.64
C PHE B 76 23.95 -1.37 12.99
N ILE B 77 23.68 -0.46 12.04
CA ILE B 77 24.75 0.23 11.32
C ILE B 77 25.43 1.24 12.24
N ASN B 78 24.61 2.05 12.91
CA ASN B 78 25.08 3.12 13.79
C ASN B 78 25.88 2.62 15.00
N GLU B 79 25.68 1.35 15.37
CA GLU B 79 26.38 0.77 16.52
C GLU B 79 27.39 -0.31 16.12
N LYS B 80 26.92 -1.42 15.58
CA LYS B 80 27.76 -2.59 15.26
C LYS B 80 28.76 -2.31 14.13
N ILE B 81 28.28 -1.71 13.04
CA ILE B 81 29.12 -1.44 11.86
C ILE B 81 30.11 -0.30 12.12
N LYS B 82 29.65 0.77 12.76
CA LYS B 82 30.50 1.92 13.07
C LYS B 82 31.67 1.56 13.99
N GLN B 83 31.50 0.52 14.79
CA GLN B 83 32.59 -0.05 15.60
C GLN B 83 33.55 -0.85 14.74
N GLU B 84 33.01 -1.61 13.80
CA GLU B 84 33.81 -2.43 12.88
C GLU B 84 34.57 -1.56 11.87
N ILE B 85 33.93 -0.48 11.43
CA ILE B 85 34.54 0.45 10.48
C ILE B 85 34.59 1.85 11.09
N ASN B 86 35.79 2.25 11.51
CA ASN B 86 36.00 3.56 12.13
C ASN B 86 37.06 4.35 11.36
N PRO B 87 36.68 5.50 10.78
CA PRO B 87 35.33 6.06 10.76
C PRO B 87 34.49 5.55 9.58
N PHE B 88 33.16 5.50 9.78
CA PHE B 88 32.23 5.16 8.72
C PHE B 88 31.71 6.45 8.09
N LYS B 89 32.13 6.71 6.87
CA LYS B 89 31.85 7.99 6.20
C LYS B 89 30.47 8.11 5.53
N PRO B 90 29.99 7.03 4.86
CA PRO B 90 28.69 7.15 4.17
C PRO B 90 27.54 7.38 5.16
N LYS B 91 26.62 8.28 4.81
CA LYS B 91 25.48 8.58 5.68
C LYS B 91 24.54 7.36 5.78
N ILE B 92 23.82 7.27 6.90
CA ILE B 92 22.81 6.21 7.08
C ILE B 92 21.46 6.77 6.62
N ALA B 93 21.00 6.28 5.48
CA ALA B 93 19.69 6.68 4.99
C ALA B 93 18.71 5.51 5.16
N CYS B 94 17.49 5.82 5.57
CA CYS B 94 16.47 4.78 5.61
C CYS B 94 15.17 5.17 4.94
N VAL B 95 14.57 4.18 4.29
CA VAL B 95 13.28 4.36 3.64
C VAL B 95 12.17 4.39 4.69
N ILE B 96 11.19 5.25 4.46
CA ILE B 96 10.09 5.40 5.40
C ILE B 96 8.77 5.38 4.62
N ASN B 97 7.72 4.80 5.22
CA ASN B 97 6.42 4.71 4.57
C ASN B 97 6.52 3.91 3.26
N PHE B 98 7.43 2.93 3.27
CA PHE B 98 7.93 2.29 2.07
C PHE B 98 7.35 0.88 1.91
N PRO B 99 7.04 0.46 0.67
CA PRO B 99 7.16 1.14 -0.63
C PRO B 99 5.93 1.89 -1.13
N TYR B 100 4.79 1.75 -0.44
CA TYR B 100 3.53 2.23 -0.98
C TYR B 100 3.07 3.60 -0.53
N GLY B 101 3.64 4.12 0.56
CA GLY B 101 3.32 5.47 1.02
C GLY B 101 1.94 5.63 1.62
N THR B 102 1.42 4.54 2.19
CA THR B 102 0.02 4.46 2.62
C THR B 102 -0.18 4.46 4.13
N ASP B 103 0.91 4.50 4.90
CA ASP B 103 0.79 4.52 6.37
C ASP B 103 0.10 5.79 6.86
N SER B 104 -0.49 5.71 8.04
CA SER B 104 -1.08 6.88 8.68
C SER B 104 0.04 7.85 9.07
N MET B 105 -0.25 9.14 9.07
CA MET B 105 0.72 10.14 9.52
C MET B 105 1.29 9.79 10.89
N GLU B 106 0.42 9.28 11.76
CA GLU B 106 0.81 8.87 13.11
C GLU B 106 1.92 7.82 13.10
N LYS B 107 1.74 6.78 12.29
CA LYS B 107 2.74 5.73 12.19
C LYS B 107 4.04 6.24 11.56
N VAL B 108 3.92 7.01 10.48
CA VAL B 108 5.09 7.60 9.82
C VAL B 108 5.93 8.41 10.81
N LEU B 109 5.26 9.31 11.54
CA LEU B 109 5.95 10.15 12.51
C LEU B 109 6.56 9.34 13.65
N ASN B 110 5.86 8.29 14.10
CA ASN B 110 6.41 7.37 15.10
C ASN B 110 7.59 6.56 14.57
N ASP B 111 7.48 6.08 13.34
CA ASP B 111 8.55 5.31 12.72
C ASP B 111 9.79 6.19 12.45
N THR B 112 9.56 7.45 12.09
CA THR B 112 10.64 8.40 11.82
C THR B 112 11.41 8.71 13.11
N GLU B 113 10.66 9.03 14.17
CA GLU B 113 11.23 9.25 15.50
C GLU B 113 12.13 8.09 15.93
N LYS B 114 11.67 6.86 15.78
CA LYS B 114 12.48 5.68 16.13
C LYS B 114 13.72 5.57 15.24
N ALA B 115 13.55 5.84 13.95
CA ALA B 115 14.66 5.80 12.99
C ALA B 115 15.75 6.77 13.41
N LEU B 116 15.35 8.01 13.72
CA LEU B 116 16.26 9.04 14.21
C LEU B 116 16.97 8.62 15.49
N ASP B 117 16.22 8.06 16.43
CA ASP B 117 16.77 7.54 17.68
C ASP B 117 17.85 6.49 17.42
N ASP B 118 17.62 5.65 16.41
CA ASP B 118 18.54 4.55 16.10
C ASP B 118 19.81 5.02 15.39
N GLY B 119 19.80 6.24 14.87
CA GLY B 119 21.01 6.82 14.27
C GLY B 119 20.91 7.24 12.81
N ALA B 120 19.70 7.28 12.26
CA ALA B 120 19.49 7.64 10.85
C ALA B 120 19.92 9.07 10.56
N ASP B 121 20.65 9.26 9.46
CA ASP B 121 21.11 10.58 9.02
C ASP B 121 20.15 11.20 8.02
N GLU B 122 19.55 10.36 7.19
CA GLU B 122 18.69 10.81 6.11
C GLU B 122 17.46 9.91 6.06
N ILE B 123 16.37 10.45 5.53
CA ILE B 123 15.12 9.72 5.43
C ILE B 123 14.66 9.81 3.99
N ASP B 124 14.38 8.65 3.40
CA ASP B 124 13.79 8.59 2.06
C ASP B 124 12.31 8.18 2.18
N LEU B 125 11.41 9.18 2.11
CA LEU B 125 9.96 9.03 2.38
C LEU B 125 9.07 8.85 1.17
N VAL B 126 8.25 7.79 1.17
CA VAL B 126 7.25 7.64 0.11
C VAL B 126 5.96 8.35 0.52
N ILE B 127 5.43 9.19 -0.37
CA ILE B 127 4.10 9.76 -0.20
C ILE B 127 3.06 8.84 -0.89
N ASN B 128 1.77 9.13 -0.68
CA ASN B 128 0.71 8.26 -1.19
C ASN B 128 0.43 8.60 -2.65
N TYR B 129 1.23 8.03 -3.54
CA TYR B 129 1.12 8.37 -4.95
C TYR B 129 -0.19 7.87 -5.57
N LYS B 130 -0.70 6.72 -5.11
CA LYS B 130 -1.96 6.14 -5.61
C LYS B 130 -3.12 7.10 -5.38
N LYS B 131 -3.15 7.70 -4.18
CA LYS B 131 -4.13 8.72 -3.79
C LYS B 131 -4.11 9.90 -4.77
N ILE B 132 -2.91 10.35 -5.13
CA ILE B 132 -2.73 11.43 -6.09
C ILE B 132 -3.21 11.04 -7.49
N ILE B 133 -2.98 9.79 -7.88
CA ILE B 133 -3.50 9.28 -9.15
C ILE B 133 -5.04 9.28 -9.16
N GLU B 134 -5.65 8.85 -8.06
CA GLU B 134 -7.10 8.65 -8.00
C GLU B 134 -7.95 9.80 -7.47
N ASN B 135 -7.42 10.53 -6.50
CA ASN B 135 -8.12 11.61 -5.83
C ASN B 135 -7.13 12.78 -5.68
N THR B 136 -6.81 13.40 -6.82
CA THR B 136 -5.64 14.28 -6.97
C THR B 136 -5.54 15.42 -5.97
N ASP B 137 -6.51 16.32 -5.98
CA ASP B 137 -6.55 17.48 -5.08
C ASP B 137 -6.25 17.09 -3.63
N GLU B 138 -6.99 16.10 -3.12
CA GLU B 138 -6.80 15.61 -1.76
C GLU B 138 -5.46 14.89 -1.61
N GLY B 139 -5.07 14.14 -2.64
CA GLY B 139 -3.78 13.44 -2.66
C GLY B 139 -2.60 14.39 -2.52
N LEU B 140 -2.63 15.47 -3.31
CA LEU B 140 -1.58 16.49 -3.29
C LEU B 140 -1.52 17.20 -1.95
N LYS B 141 -2.68 17.56 -1.40
CA LYS B 141 -2.75 18.23 -0.10
C LYS B 141 -2.24 17.34 1.03
N GLU B 142 -2.49 16.03 0.91
CA GLU B 142 -2.00 15.05 1.89
C GLU B 142 -0.49 14.91 1.81
N ALA B 143 0.04 14.82 0.58
CA ALA B 143 1.48 14.71 0.34
C ALA B 143 2.27 15.87 0.94
N THR B 144 1.74 17.08 0.78
CA THR B 144 2.36 18.29 1.37
C THR B 144 2.38 18.20 2.90
N LYS B 145 1.28 17.75 3.48
CA LYS B 145 1.11 17.69 4.94
C LYS B 145 2.01 16.60 5.57
N LEU B 146 2.15 15.47 4.89
CA LEU B 146 2.99 14.38 5.39
C LEU B 146 4.46 14.80 5.35
N THR B 147 4.84 15.37 4.22
CA THR B 147 6.21 15.82 3.97
C THR B 147 6.65 16.85 5.03
N GLN B 148 5.81 17.84 5.28
CA GLN B 148 6.13 18.90 6.26
C GLN B 148 6.29 18.39 7.68
N SER B 149 5.39 17.49 8.08
CA SER B 149 5.39 16.93 9.43
C SER B 149 6.63 16.07 9.67
N VAL B 150 7.07 15.34 8.65
CA VAL B 150 8.30 14.55 8.73
C VAL B 150 9.52 15.48 8.74
N LYS B 151 9.52 16.48 7.86
CA LYS B 151 10.59 17.47 7.82
C LYS B 151 10.78 18.16 9.17
N LYS B 152 9.68 18.43 9.87
CA LYS B 152 9.74 19.02 11.21
C LYS B 152 10.59 18.19 12.19
N LEU B 153 10.57 16.87 12.03
CA LEU B 153 11.41 15.99 12.82
C LEU B 153 12.87 16.00 12.34
N LEU B 154 13.12 16.50 11.14
CA LEU B 154 14.43 16.35 10.51
C LEU B 154 15.15 17.66 10.19
N THR B 155 15.08 18.64 11.08
CA THR B 155 15.85 19.87 10.87
C THR B 155 17.34 19.58 10.89
N ASN B 156 18.10 20.24 10.00
CA ASN B 156 19.53 19.95 9.79
C ASN B 156 19.77 18.55 9.21
N LYS B 157 18.72 17.92 8.72
CA LYS B 157 18.84 16.59 8.13
C LYS B 157 18.10 16.49 6.80
N ILE B 158 18.62 15.65 5.90
CA ILE B 158 18.07 15.57 4.56
C ILE B 158 16.82 14.68 4.54
N LEU B 159 15.72 15.26 4.09
CA LEU B 159 14.52 14.48 3.77
C LEU B 159 14.39 14.34 2.27
N LYS B 160 14.46 13.10 1.80
CA LYS B 160 14.24 12.77 0.38
C LYS B 160 12.81 12.23 0.22
N VAL B 161 12.06 12.73 -0.75
CA VAL B 161 10.69 12.25 -0.94
C VAL B 161 10.54 11.47 -2.24
N ILE B 162 10.17 10.19 -2.10
CA ILE B 162 9.90 9.33 -3.25
C ILE B 162 8.48 9.60 -3.78
N ILE B 163 8.40 10.06 -5.03
CA ILE B 163 7.13 10.35 -5.68
C ILE B 163 6.62 9.23 -6.61
N GLU B 164 7.50 8.28 -6.93
CA GLU B 164 7.17 7.10 -7.74
C GLU B 164 6.68 7.48 -9.16
N VAL B 165 7.59 8.08 -9.92
CA VAL B 165 7.28 8.54 -11.29
C VAL B 165 6.76 7.45 -12.23
N GLY B 166 7.17 6.20 -11.99
CA GLY B 166 6.74 5.08 -12.82
C GLY B 166 5.26 4.77 -12.66
N GLU B 167 4.68 5.21 -11.54
CA GLU B 167 3.25 5.04 -11.29
C GLU B 167 2.47 6.31 -11.63
N LEU B 168 3.03 7.47 -11.24
CA LEU B 168 2.42 8.77 -11.56
C LEU B 168 2.25 8.95 -13.07
N LYS B 169 3.29 8.64 -13.83
CA LYS B 169 3.29 8.60 -15.31
C LYS B 169 3.21 9.91 -16.07
N THR B 170 2.24 10.76 -15.76
CA THR B 170 2.00 11.97 -16.57
C THR B 170 2.78 13.20 -16.11
N GLU B 171 3.10 14.07 -17.06
CA GLU B 171 3.76 15.33 -16.76
C GLU B 171 3.01 16.09 -15.67
N ASP B 172 1.68 16.17 -15.82
CA ASP B 172 0.84 16.91 -14.89
C ASP B 172 0.97 16.42 -13.45
N LEU B 173 0.90 15.10 -13.25
CA LEU B 173 0.96 14.51 -11.92
C LEU B 173 2.36 14.58 -11.31
N ILE B 174 3.38 14.35 -12.13
CA ILE B 174 4.77 14.41 -11.69
C ILE B 174 5.12 15.84 -11.24
N ILE B 175 4.78 16.83 -12.05
CA ILE B 175 5.00 18.24 -11.68
C ILE B 175 4.22 18.64 -10.43
N LYS B 176 2.92 18.37 -10.40
CA LYS B 176 2.07 18.72 -9.25
C LYS B 176 2.53 18.04 -7.96
N THR B 177 2.88 16.75 -8.04
CA THR B 177 3.37 16.03 -6.86
C THR B 177 4.69 16.61 -6.38
N THR B 178 5.59 16.88 -7.31
CA THR B 178 6.89 17.50 -6.98
C THR B 178 6.65 18.84 -6.29
N LEU B 179 5.82 19.68 -6.90
CA LEU B 179 5.47 20.97 -6.29
C LEU B 179 4.83 20.81 -4.91
N ALA B 180 3.89 19.88 -4.81
CA ALA B 180 3.22 19.60 -3.54
C ALA B 180 4.22 19.21 -2.44
N VAL B 181 5.18 18.37 -2.82
CA VAL B 181 6.16 17.85 -1.88
C VAL B 181 7.25 18.89 -1.54
N LEU B 182 7.65 19.68 -2.52
CA LEU B 182 8.57 20.80 -2.28
C LEU B 182 7.95 21.82 -1.33
N ASN B 183 6.66 22.12 -1.53
CA ASN B 183 5.94 23.01 -0.61
C ASN B 183 5.79 22.46 0.81
N GLY B 184 6.10 21.18 0.98
CA GLY B 184 6.16 20.56 2.29
C GLY B 184 7.56 20.57 2.88
N ASN B 185 8.46 21.28 2.21
CA ASN B 185 9.86 21.42 2.63
C ASN B 185 10.76 20.19 2.47
N ALA B 186 10.47 19.38 1.46
CA ALA B 186 11.37 18.30 1.06
C ALA B 186 12.69 18.86 0.58
N ASP B 187 13.78 18.18 0.93
CA ASP B 187 15.14 18.59 0.53
C ASP B 187 15.51 18.01 -0.83
N PHE B 188 15.06 16.78 -1.08
CA PHE B 188 15.37 16.01 -2.28
C PHE B 188 14.07 15.45 -2.87
N ILE B 189 14.01 15.37 -4.20
CA ILE B 189 12.99 14.58 -4.86
C ILE B 189 13.65 13.29 -5.30
N LYS B 190 13.10 12.15 -4.87
CA LYS B 190 13.60 10.84 -5.30
C LYS B 190 12.58 10.23 -6.27
N THR B 191 13.07 9.69 -7.38
CA THR B 191 12.17 9.26 -8.46
C THR B 191 11.32 8.03 -8.13
N SER B 192 11.95 6.99 -7.56
CA SER B 192 11.37 5.67 -7.56
C SER B 192 11.77 4.85 -6.35
N THR B 193 10.91 3.90 -5.97
CA THR B 193 11.21 2.94 -4.91
C THR B 193 12.05 1.77 -5.43
N GLY B 194 12.02 1.58 -6.75
CA GLY B 194 12.56 0.37 -7.37
C GLY B 194 11.65 -0.83 -7.15
N LYS B 195 10.48 -0.60 -6.58
CA LYS B 195 9.57 -1.69 -6.20
C LYS B 195 8.38 -1.87 -7.15
N VAL B 196 8.31 -1.02 -8.18
CA VAL B 196 7.30 -1.15 -9.23
C VAL B 196 8.00 -1.44 -10.57
N GLN B 197 7.23 -1.65 -11.64
CA GLN B 197 7.80 -2.01 -12.94
C GLN B 197 8.59 -0.87 -13.60
N ILE B 198 8.04 0.35 -13.57
CA ILE B 198 8.71 1.50 -14.18
C ILE B 198 9.42 2.40 -13.16
N ASN B 199 10.68 2.70 -13.45
CA ASN B 199 11.47 3.60 -12.61
C ASN B 199 11.70 4.94 -13.30
N ALA B 200 12.88 5.51 -13.11
CA ALA B 200 13.24 6.79 -13.70
C ALA B 200 13.40 6.68 -15.21
N THR B 201 12.98 7.73 -15.92
CA THR B 201 13.28 7.90 -17.34
C THR B 201 13.77 9.33 -17.53
N PRO B 202 14.55 9.57 -18.60
CA PRO B 202 14.94 10.96 -18.91
C PRO B 202 13.73 11.90 -18.92
N SER B 203 12.63 11.44 -19.51
CA SER B 203 11.38 12.20 -19.59
C SER B 203 10.86 12.60 -18.21
N SER B 204 10.75 11.63 -17.30
CA SER B 204 10.21 11.88 -15.96
C SER B 204 11.11 12.77 -15.11
N VAL B 205 12.42 12.63 -15.28
CA VAL B 205 13.39 13.51 -14.63
C VAL B 205 13.23 14.93 -15.17
N GLU B 206 13.08 15.06 -16.49
CA GLU B 206 12.80 16.37 -17.12
C GLU B 206 11.61 17.07 -16.46
N TYR B 207 10.49 16.35 -16.30
CA TYR B 207 9.32 16.88 -15.60
C TYR B 207 9.66 17.32 -14.18
N ILE B 208 10.39 16.48 -13.44
CA ILE B 208 10.79 16.82 -12.07
C ILE B 208 11.58 18.13 -12.03
N ILE B 209 12.58 18.26 -12.90
CA ILE B 209 13.37 19.50 -12.96
C ILE B 209 12.48 20.71 -13.28
N LYS B 210 11.60 20.58 -14.30
CA LYS B 210 10.65 21.65 -14.65
C LYS B 210 9.91 22.17 -13.42
N ALA B 211 9.54 21.26 -12.52
CA ALA B 211 8.81 21.62 -11.31
C ALA B 211 9.69 22.26 -10.23
N ILE B 212 10.91 21.74 -10.04
CA ILE B 212 11.87 22.35 -9.10
C ILE B 212 12.20 23.79 -9.49
N LYS B 213 12.41 24.04 -10.78
CA LYS B 213 12.66 25.40 -11.27
C LYS B 213 11.48 26.34 -10.96
N GLU B 214 10.26 25.84 -11.20
CA GLU B 214 9.05 26.60 -10.91
C GLU B 214 8.94 26.92 -9.42
N TYR B 215 9.32 25.96 -8.58
CA TYR B 215 9.34 26.14 -7.14
C TYR B 215 10.36 27.20 -6.69
N ILE B 216 11.49 27.25 -7.39
CA ILE B 216 12.55 28.23 -7.12
C ILE B 216 12.12 29.66 -7.51
N LYS B 217 11.34 29.79 -8.59
CA LYS B 217 10.76 31.07 -8.99
C LYS B 217 9.93 31.68 -7.86
N ASN B 218 9.07 30.86 -7.26
CA ASN B 218 8.24 31.30 -6.14
C ASN B 218 9.02 31.43 -4.83
N ASN B 219 10.02 30.58 -4.65
CA ASN B 219 10.85 30.60 -3.43
C ASN B 219 12.33 30.77 -3.79
N PRO B 220 12.78 32.04 -3.94
CA PRO B 220 14.15 32.33 -4.36
C PRO B 220 15.22 31.89 -3.35
N GLU B 221 14.92 31.95 -2.06
CA GLU B 221 15.88 31.56 -1.02
C GLU B 221 16.14 30.04 -0.98
N LYS B 222 15.41 29.29 -1.81
CA LYS B 222 15.57 27.83 -1.92
C LYS B 222 16.52 27.42 -3.05
N ASN B 223 17.10 28.42 -3.73
CA ASN B 223 18.06 28.19 -4.81
C ASN B 223 19.31 27.47 -4.28
N ASN B 224 19.74 26.44 -5.01
CA ASN B 224 20.85 25.57 -4.61
C ASN B 224 20.62 24.83 -3.29
N LYS B 225 19.35 24.61 -2.97
CA LYS B 225 18.97 23.94 -1.72
C LYS B 225 18.19 22.64 -1.98
N ILE B 226 17.67 22.50 -3.20
CA ILE B 226 16.86 21.33 -3.57
C ILE B 226 17.64 20.30 -4.37
N GLY B 227 17.62 19.05 -3.90
CA GLY B 227 18.33 17.97 -4.56
C GLY B 227 17.44 17.08 -5.41
N LEU B 228 18.08 16.29 -6.27
CA LEU B 228 17.40 15.29 -7.07
C LEU B 228 18.09 13.96 -6.85
N LYS B 229 17.31 12.91 -6.60
CA LYS B 229 17.85 11.56 -6.50
C LYS B 229 17.19 10.66 -7.53
N VAL B 230 18.00 10.14 -8.44
CA VAL B 230 17.50 9.22 -9.48
C VAL B 230 17.78 7.80 -9.05
N SER B 231 16.71 7.02 -8.92
CA SER B 231 16.82 5.66 -8.39
C SER B 231 15.94 4.71 -9.17
N GLY B 232 16.31 3.42 -9.12
CA GLY B 232 15.59 2.38 -9.83
C GLY B 232 16.19 2.15 -11.19
N GLY B 233 16.76 0.96 -11.38
CA GLY B 233 17.26 0.53 -12.68
C GLY B 233 18.52 1.22 -13.18
N ILE B 234 19.29 1.81 -12.26
CA ILE B 234 20.56 2.43 -12.62
C ILE B 234 21.66 1.45 -12.25
N SER B 235 22.20 0.75 -13.24
CA SER B 235 23.24 -0.24 -12.97
C SER B 235 24.53 -0.04 -13.77
N ASP B 236 24.59 1.00 -14.59
CA ASP B 236 25.80 1.30 -15.38
C ASP B 236 26.24 2.76 -15.34
N LEU B 237 27.53 2.95 -15.57
CA LEU B 237 28.16 4.27 -15.54
C LEU B 237 27.57 5.26 -16.53
N ASN B 238 27.31 4.80 -17.77
CA ASN B 238 26.78 5.70 -18.80
C ASN B 238 25.39 6.24 -18.49
N THR B 239 24.54 5.38 -17.94
CA THR B 239 23.19 5.75 -17.52
C THR B 239 23.24 6.74 -16.36
N ALA B 240 24.05 6.44 -15.34
CA ALA B 240 24.27 7.35 -14.22
C ALA B 240 24.73 8.71 -14.74
N SER B 241 25.73 8.71 -15.61
CA SER B 241 26.30 9.94 -16.15
C SER B 241 25.25 10.78 -16.89
N HIS B 242 24.35 10.11 -17.61
CA HIS B 242 23.29 10.79 -18.35
C HIS B 242 22.41 11.62 -17.41
N TYR B 243 22.00 11.03 -16.28
CA TYR B 243 21.17 11.73 -15.31
C TYR B 243 21.88 12.87 -14.61
N ILE B 244 23.15 12.65 -14.25
CA ILE B 244 23.96 13.69 -13.61
C ILE B 244 24.01 14.91 -14.52
N LEU B 245 24.24 14.67 -15.81
CA LEU B 245 24.30 15.72 -16.83
C LEU B 245 22.98 16.47 -16.98
N LEU B 246 21.87 15.74 -16.98
CA LEU B 246 20.55 16.35 -16.95
C LEU B 246 20.41 17.33 -15.79
N ALA B 247 20.87 16.95 -14.60
CA ALA B 247 20.84 17.85 -13.44
C ALA B 247 21.77 19.06 -13.59
N ARG B 248 22.96 18.84 -14.15
CA ARG B 248 23.95 19.91 -14.32
C ARG B 248 23.49 20.96 -15.34
N ARG B 249 23.02 20.49 -16.49
CA ARG B 249 22.53 21.36 -17.57
C ARG B 249 21.27 22.15 -17.19
N PHE B 250 20.35 21.51 -16.47
CA PHE B 250 18.99 22.02 -16.27
C PHE B 250 18.76 22.61 -14.88
N LEU B 251 19.40 22.02 -13.88
CA LEU B 251 19.12 22.33 -12.49
C LEU B 251 20.39 22.80 -11.78
N PHE B 261 22.60 16.26 -5.72
CA PHE B 261 22.31 15.10 -6.60
C PHE B 261 22.79 13.75 -6.03
N ARG B 262 21.96 12.73 -6.18
CA ARG B 262 22.28 11.37 -5.76
C ARG B 262 21.78 10.35 -6.78
N ILE B 263 22.51 9.25 -6.88
CA ILE B 263 21.99 8.04 -7.52
C ILE B 263 21.61 7.06 -6.40
N GLY B 264 20.45 6.42 -6.55
CA GLY B 264 20.10 5.28 -5.72
C GLY B 264 20.22 4.00 -6.54
N SER B 265 21.05 3.09 -6.08
CA SER B 265 21.24 1.80 -6.74
C SER B 265 21.76 0.75 -5.77
N SER B 266 21.33 -0.49 -5.97
CA SER B 266 21.78 -1.63 -5.17
C SER B 266 23.00 -2.30 -5.80
N SER B 267 23.30 -1.95 -7.04
CA SER B 267 24.36 -2.64 -7.78
C SER B 267 25.46 -1.75 -8.34
N LEU B 268 25.20 -0.46 -8.47
CA LEU B 268 26.10 0.44 -9.22
C LEU B 268 27.50 0.50 -8.63
N VAL B 269 27.59 0.71 -7.31
CA VAL B 269 28.89 0.80 -6.63
C VAL B 269 29.78 -0.44 -6.83
N ILE B 270 29.17 -1.62 -6.87
CA ILE B 270 29.91 -2.86 -7.09
C ILE B 270 30.56 -2.89 -8.47
N LYS B 271 29.80 -2.52 -9.51
CA LYS B 271 30.31 -2.49 -10.88
C LYS B 271 31.42 -1.44 -11.02
N LEU B 272 31.24 -0.29 -10.40
CA LEU B 272 32.17 0.83 -10.59
C LEU B 272 33.50 0.62 -9.90
N ARG B 273 33.51 -0.13 -8.79
CA ARG B 273 34.77 -0.50 -8.17
C ARG B 273 35.53 -1.44 -9.10
N LYS B 274 34.80 -2.29 -9.82
CA LYS B 274 35.40 -3.17 -10.82
C LYS B 274 36.03 -2.35 -11.94
N VAL B 275 35.30 -1.34 -12.42
CA VAL B 275 35.81 -0.37 -13.40
C VAL B 275 37.09 0.29 -12.89
N ILE B 276 37.07 0.79 -11.66
CA ILE B 276 38.23 1.48 -11.06
C ILE B 276 39.44 0.55 -10.92
N SER B 277 39.20 -0.68 -10.46
CA SER B 277 40.26 -1.70 -10.30
C SER B 277 40.94 -2.01 -11.63
#